data_6AOL
#
_entry.id   6AOL
#
_cell.length_a   65.599
_cell.length_b   96.897
_cell.length_c   42.953
_cell.angle_alpha   90.00
_cell.angle_beta   90.00
_cell.angle_gamma   90.00
#
_symmetry.space_group_name_H-M   'P 21 21 2'
#
loop_
_entity.id
_entity.type
_entity.pdbx_description
1 polymer Endoplasmin
2 non-polymer 'methyl 3-chloro-2-(2-{2-[(4-fluorophenyl)methyl]phenyl}ethyl)-4,6-dihydroxybenzoate'
3 non-polymer 3,6,9,12,15,18-HEXAOXAICOSANE-1,20-DIOL
4 water water
#
_entity_poly.entity_id   1
_entity_poly.type   'polypeptide(L)'
_entity_poly.pdbx_seq_one_letter_code
;SLREKSEKFAFQAEVNRMMKLIINSLYKNKEIFLRELISNASDALDKIRLISLTDENALAGNEELTVKIKCDKEKNLLHV
TDTGVGMTREELVKNLGTIAKSGTSEFLNKMTEAQEDGQSTSELIGQFGVGFYSAFLVADKVIVTSKHNNDTQHIWESDS
NEFSVIADPRGNTLGRGTTITLVLKEEASDYLELDTIKNLVKKYSQFINFPIYVWSSKTGGGGKTVWDWELMN
;
_entity_poly.pdbx_strand_id   A
#
# COMPACT_ATOMS: atom_id res chain seq x y z
N GLU A 7 21.14 -7.30 -2.25
CA GLU A 7 20.09 -6.75 -3.10
C GLU A 7 18.82 -7.59 -3.00
N LYS A 8 19.00 -8.89 -2.78
CA LYS A 8 17.91 -9.84 -2.51
C LYS A 8 17.93 -10.27 -1.06
N PHE A 9 16.75 -10.55 -0.52
CA PHE A 9 16.59 -10.88 0.89
C PHE A 9 15.53 -11.97 1.05
N ALA A 10 15.57 -12.65 2.18
CA ALA A 10 14.56 -13.64 2.56
C ALA A 10 13.65 -13.05 3.63
N PHE A 11 12.34 -13.27 3.49
CA PHE A 11 11.41 -12.87 4.54
C PHE A 11 11.78 -13.57 5.85
N GLN A 12 11.43 -12.92 6.96
CA GLN A 12 11.61 -13.56 8.25
C GLN A 12 10.53 -14.63 8.43
N ALA A 13 10.86 -15.65 9.23
CA ALA A 13 9.99 -16.82 9.34
C ALA A 13 8.57 -16.43 9.73
N GLU A 14 8.42 -15.53 10.71
CA GLU A 14 7.06 -15.19 11.15
C GLU A 14 6.27 -14.47 10.07
N VAL A 15 6.97 -13.69 9.22
CA VAL A 15 6.30 -13.03 8.09
C VAL A 15 5.69 -14.08 7.16
N ASN A 16 6.42 -15.17 6.90
CA ASN A 16 5.86 -16.26 6.10
C ASN A 16 4.64 -16.85 6.78
N ARG A 17 4.78 -17.23 8.07
CA ARG A 17 3.64 -17.74 8.82
C ARG A 17 2.50 -16.74 8.80
N MET A 18 2.82 -15.45 8.99
CA MET A 18 1.77 -14.45 8.94
C MET A 18 1.14 -14.39 7.57
N MET A 19 1.98 -14.34 6.52
CA MET A 19 1.45 -14.24 5.17
C MET A 19 0.49 -15.37 4.85
N LYS A 20 0.81 -16.59 5.28
CA LYS A 20 -0.11 -17.70 5.05
C LYS A 20 -1.37 -17.54 5.89
N LEU A 21 -1.20 -17.18 7.17
CA LEU A 21 -2.36 -17.01 8.04
C LEU A 21 -3.31 -15.93 7.51
N ILE A 22 -2.77 -14.80 7.05
CA ILE A 22 -3.61 -13.78 6.44
C ILE A 22 -4.32 -14.37 5.22
N ILE A 23 -3.67 -15.27 4.50
CA ILE A 23 -4.21 -15.74 3.24
C ILE A 23 -5.32 -16.77 3.46
N ASN A 24 -4.97 -17.91 4.05
CA ASN A 24 -6.03 -18.91 4.15
C ASN A 24 -7.11 -18.53 5.20
N SER A 25 -7.11 -17.33 5.77
CA SER A 25 -8.23 -16.88 6.58
C SER A 25 -9.12 -15.88 5.86
N LEU A 26 -8.62 -15.17 4.85
CA LEU A 26 -9.43 -14.18 4.13
C LEU A 26 -9.60 -14.53 2.65
N TYR A 27 -9.42 -15.80 2.26
CA TYR A 27 -9.76 -16.20 0.89
C TYR A 27 -11.15 -15.77 0.50
N LYS A 28 -12.05 -15.61 1.48
CA LYS A 28 -13.46 -15.27 1.31
C LYS A 28 -13.73 -13.77 1.34
N ASN A 29 -13.00 -13.01 2.15
CA ASN A 29 -13.17 -11.56 2.25
C ASN A 29 -12.04 -10.85 1.48
N LYS A 30 -11.95 -11.12 0.17
CA LYS A 30 -10.77 -10.71 -0.58
C LYS A 30 -10.63 -9.18 -0.66
N GLU A 31 -11.76 -8.46 -0.64
CA GLU A 31 -11.75 -7.02 -0.92
C GLU A 31 -11.24 -6.16 0.25
N ILE A 32 -10.76 -6.80 1.33
CA ILE A 32 -10.26 -6.04 2.48
C ILE A 32 -8.86 -5.49 2.23
N PHE A 33 -8.18 -5.95 1.17
CA PHE A 33 -6.86 -5.45 0.84
C PHE A 33 -6.90 -3.96 0.53
N LEU A 34 -7.99 -3.48 -0.08
CA LEU A 34 -8.08 -2.08 -0.45
C LEU A 34 -8.33 -1.21 0.77
N ARG A 35 -9.11 -1.72 1.72
CA ARG A 35 -9.23 -1.07 3.02
C ARG A 35 -7.85 -0.90 3.64
N GLU A 36 -7.08 -1.98 3.71
CA GLU A 36 -5.80 -1.91 4.39
C GLU A 36 -4.80 -1.03 3.66
N LEU A 37 -4.87 -0.96 2.32
CA LEU A 37 -3.96 -0.05 1.61
C LEU A 37 -4.35 1.41 1.83
N ILE A 38 -5.63 1.68 2.05
CA ILE A 38 -6.07 3.06 2.19
C ILE A 38 -5.74 3.61 3.57
N SER A 39 -5.96 2.82 4.63
CA SER A 39 -5.52 3.29 5.94
C SER A 39 -4.01 3.30 6.08
N ASN A 40 -3.31 2.37 5.41
CA ASN A 40 -1.85 2.41 5.46
C ASN A 40 -1.31 3.68 4.81
N ALA A 41 -2.04 4.21 3.83
CA ALA A 41 -1.65 5.49 3.23
C ALA A 41 -1.96 6.67 4.15
N SER A 42 -3.13 6.66 4.80
CA SER A 42 -3.50 7.71 5.76
C SER A 42 -2.48 7.80 6.90
N ASP A 43 -2.14 6.66 7.50
CA ASP A 43 -1.12 6.67 8.54
C ASP A 43 0.15 7.33 8.03
N ALA A 44 0.58 6.98 6.82
CA ALA A 44 1.76 7.59 6.24
C ALA A 44 1.56 9.07 6.01
N LEU A 45 0.37 9.46 5.57
CA LEU A 45 0.09 10.87 5.37
C LEU A 45 0.04 11.62 6.69
N ASP A 46 -0.54 11.01 7.74
CA ASP A 46 -0.50 11.63 9.06
C ASP A 46 0.95 11.92 9.46
N LYS A 47 1.77 10.87 9.47
CA LYS A 47 3.13 11.00 9.96
C LYS A 47 3.86 12.17 9.32
N ILE A 48 3.57 12.48 8.06
CA ILE A 48 4.28 13.62 7.49
C ILE A 48 3.59 14.93 7.92
N ARG A 49 2.28 14.92 8.15
CA ARG A 49 1.65 16.11 8.71
C ARG A 49 2.14 16.38 10.14
N LEU A 50 2.29 15.34 10.95
CA LEU A 50 2.91 15.51 12.26
C LEU A 50 4.31 16.12 12.11
N ILE A 51 5.12 15.52 11.25
CA ILE A 51 6.49 15.98 11.06
C ILE A 51 6.49 17.41 10.57
N SER A 52 5.49 17.81 9.81
CA SER A 52 5.48 19.17 9.28
C SER A 52 5.18 20.20 10.35
N LEU A 53 4.65 19.79 11.50
CA LEU A 53 4.47 20.71 12.62
C LEU A 53 5.81 21.29 13.04
N THR A 54 6.83 20.43 13.16
CA THR A 54 8.12 20.79 13.74
C THR A 54 9.20 20.90 12.67
N ASP A 55 8.81 21.19 11.43
CA ASP A 55 9.76 21.17 10.33
C ASP A 55 9.34 22.18 9.27
N GLU A 56 10.10 23.27 9.17
CA GLU A 56 9.85 24.32 8.20
C GLU A 56 9.77 23.78 6.78
N ASN A 57 10.40 22.64 6.49
CA ASN A 57 10.58 22.20 5.11
C ASN A 57 10.17 20.74 4.88
N ALA A 58 9.33 20.16 5.74
CA ALA A 58 8.99 18.75 5.60
C ALA A 58 8.24 18.48 4.31
N LEU A 59 7.51 19.46 3.80
CA LEU A 59 6.70 19.30 2.61
C LEU A 59 7.38 19.87 1.37
N ALA A 60 8.71 19.91 1.39
CA ALA A 60 9.46 20.36 0.23
C ALA A 60 9.25 19.43 -0.96
N GLY A 61 9.39 18.11 -0.73
CA GLY A 61 9.38 17.15 -1.83
C GLY A 61 8.06 17.05 -2.56
N ASN A 62 6.98 17.53 -1.94
CA ASN A 62 5.65 17.52 -2.56
C ASN A 62 4.76 18.40 -1.68
N GLU A 63 4.04 19.34 -2.28
CA GLU A 63 3.24 20.27 -1.50
C GLU A 63 1.94 19.65 -0.99
N GLU A 64 1.40 18.68 -1.71
CA GLU A 64 0.07 18.16 -1.43
C GLU A 64 0.14 16.91 -0.56
N LEU A 65 -0.99 16.62 0.10
CA LEU A 65 -1.18 15.44 0.96
C LEU A 65 -2.40 14.68 0.47
N THR A 66 -2.21 13.82 -0.55
CA THR A 66 -3.31 13.09 -1.17
C THR A 66 -3.05 11.61 -1.19
N VAL A 67 -4.06 10.88 -1.66
CA VAL A 67 -4.00 9.48 -2.07
C VAL A 67 -4.59 9.41 -3.46
N LYS A 68 -3.81 8.90 -4.41
CA LYS A 68 -4.23 8.79 -5.80
C LYS A 68 -4.19 7.33 -6.20
N ILE A 69 -5.33 6.81 -6.64
CA ILE A 69 -5.48 5.43 -7.07
C ILE A 69 -5.70 5.40 -8.58
N LYS A 70 -4.95 4.55 -9.26
CA LYS A 70 -4.94 4.48 -10.73
C LYS A 70 -4.95 3.01 -11.14
N CYS A 71 -5.95 2.59 -11.87
CA CYS A 71 -5.89 1.23 -12.40
C CYS A 71 -5.34 1.28 -13.83
N ASP A 72 -5.20 0.10 -14.42
CA ASP A 72 -4.44 -0.02 -15.65
C ASP A 72 -4.77 -1.37 -16.25
N LYS A 73 -6.00 -1.53 -16.75
CA LYS A 73 -6.43 -2.86 -17.16
C LYS A 73 -5.57 -3.38 -18.30
N GLU A 74 -5.06 -2.49 -19.16
CA GLU A 74 -4.31 -2.93 -20.33
C GLU A 74 -3.03 -3.67 -19.95
N LYS A 75 -2.48 -3.42 -18.76
CA LYS A 75 -1.31 -4.17 -18.29
C LYS A 75 -1.48 -4.79 -16.91
N ASN A 76 -2.71 -4.79 -16.37
CA ASN A 76 -3.10 -5.62 -15.23
C ASN A 76 -2.62 -5.05 -13.89
N LEU A 77 -2.56 -3.74 -13.75
CA LEU A 77 -1.91 -3.14 -12.60
C LEU A 77 -2.87 -2.25 -11.84
N LEU A 78 -2.74 -2.25 -10.53
CA LEU A 78 -3.40 -1.29 -9.66
C LEU A 78 -2.35 -0.55 -8.84
N HIS A 79 -2.40 0.78 -8.88
CA HIS A 79 -1.48 1.64 -8.17
C HIS A 79 -2.25 2.45 -7.13
N VAL A 80 -1.68 2.55 -5.93
CA VAL A 80 -2.22 3.37 -4.84
C VAL A 80 -1.06 4.21 -4.34
N THR A 81 -1.09 5.51 -4.64
CA THR A 81 0.03 6.42 -4.38
C THR A 81 -0.37 7.47 -3.37
N ASP A 82 0.32 7.51 -2.23
CA ASP A 82 0.13 8.59 -1.28
C ASP A 82 1.36 9.48 -1.23
N THR A 83 1.14 10.74 -0.90
CA THR A 83 2.23 11.68 -0.64
C THR A 83 2.61 11.73 0.83
N GLY A 84 2.54 10.58 1.52
CA GLY A 84 2.92 10.50 2.91
C GLY A 84 4.41 10.64 3.19
N VAL A 85 4.86 10.04 4.30
CA VAL A 85 6.22 10.25 4.77
C VAL A 85 7.23 9.55 3.88
N GLY A 86 6.84 8.48 3.21
CA GLY A 86 7.77 7.71 2.42
C GLY A 86 8.64 6.84 3.28
N MET A 87 9.55 6.12 2.61
CA MET A 87 10.41 5.14 3.25
C MET A 87 11.81 5.20 2.67
N THR A 88 12.79 4.81 3.48
CA THR A 88 14.16 4.70 3.02
C THR A 88 14.45 3.29 2.57
N ARG A 89 15.60 3.11 1.89
CA ARG A 89 16.06 1.77 1.55
C ARG A 89 15.99 0.87 2.77
N GLU A 90 16.57 1.32 3.89
CA GLU A 90 16.68 0.44 5.04
C GLU A 90 15.31 0.20 5.67
N GLU A 91 14.45 1.23 5.67
CA GLU A 91 13.09 1.01 6.16
C GLU A 91 12.36 0.01 5.28
N LEU A 92 12.50 0.13 3.95
CA LEU A 92 11.91 -0.86 3.06
C LEU A 92 12.32 -2.28 3.46
N VAL A 93 13.61 -2.51 3.65
CA VAL A 93 14.11 -3.85 3.96
C VAL A 93 13.59 -4.33 5.32
N LYS A 94 13.59 -3.44 6.31
CA LYS A 94 13.27 -3.88 7.67
C LYS A 94 11.78 -3.82 7.97
N ASN A 95 11.12 -2.73 7.57
CA ASN A 95 9.72 -2.58 7.94
C ASN A 95 8.82 -3.54 7.17
N LEU A 96 9.20 -3.87 5.94
CA LEU A 96 8.44 -4.81 5.14
C LEU A 96 9.06 -6.22 5.06
N GLY A 97 10.28 -6.42 5.54
CA GLY A 97 10.86 -7.75 5.52
C GLY A 97 10.85 -8.44 6.87
N THR A 98 10.49 -7.67 7.90
CA THR A 98 10.42 -8.09 9.30
C THR A 98 9.06 -7.70 9.87
N ILE A 99 8.61 -8.50 10.83
CA ILE A 99 7.60 -8.12 11.81
C ILE A 99 8.25 -8.29 13.17
N ALA A 100 8.53 -7.17 13.83
CA ALA A 100 9.14 -7.19 15.15
C ALA A 100 8.66 -6.03 16.01
N LYS A 101 7.67 -5.25 15.54
CA LYS A 101 7.31 -3.99 16.19
C LYS A 101 6.81 -4.22 17.60
N SER A 102 6.04 -5.29 17.82
CA SER A 102 5.43 -5.66 19.10
C SER A 102 4.66 -6.95 18.87
N GLY A 103 4.56 -7.81 19.87
CA GLY A 103 3.83 -9.05 19.63
C GLY A 103 4.55 -9.97 18.66
N THR A 104 4.18 -9.89 17.38
CA THR A 104 4.91 -10.52 16.27
C THR A 104 4.96 -12.03 16.35
N SER A 105 4.53 -12.59 17.47
CA SER A 105 4.36 -14.03 17.62
C SER A 105 3.13 -14.22 18.49
N GLU A 106 2.93 -13.29 19.42
CA GLU A 106 1.70 -13.17 20.19
C GLU A 106 0.48 -13.15 19.29
N PHE A 107 0.58 -12.45 18.16
CA PHE A 107 -0.57 -12.19 17.31
C PHE A 107 -0.88 -13.38 16.39
N LEU A 108 0.11 -14.25 16.15
CA LEU A 108 -0.12 -15.43 15.32
C LEU A 108 -0.79 -16.57 16.06
N ASN A 109 -0.78 -16.59 17.40
CA ASN A 109 -1.69 -17.47 18.12
C ASN A 109 -3.13 -17.06 17.84
N LYS A 110 -3.46 -15.81 18.22
CA LYS A 110 -4.85 -15.38 18.22
C LYS A 110 -5.44 -15.34 16.82
N MET A 111 -4.60 -15.25 15.78
CA MET A 111 -5.03 -15.37 14.39
C MET A 111 -5.78 -16.69 14.17
N THR A 112 -5.07 -17.80 14.30
CA THR A 112 -5.72 -19.10 14.18
C THR A 112 -6.66 -19.39 15.35
N GLU A 113 -6.43 -18.77 16.51
CA GLU A 113 -7.35 -18.87 17.65
C GLU A 113 -8.52 -17.90 17.50
N SER A 120 -13.05 -14.76 11.93
CA SER A 120 -13.33 -13.39 11.54
C SER A 120 -12.10 -12.53 11.71
N THR A 121 -11.03 -12.90 11.02
CA THR A 121 -9.72 -12.28 11.17
C THR A 121 -9.64 -10.89 10.53
N SER A 122 -10.76 -10.39 10.00
CA SER A 122 -10.72 -9.12 9.30
C SER A 122 -10.36 -7.97 10.23
N GLU A 123 -10.95 -7.95 11.42
CA GLU A 123 -10.69 -6.87 12.37
C GLU A 123 -9.26 -6.88 12.89
N LEU A 124 -8.70 -8.07 13.12
CA LEU A 124 -7.49 -8.20 13.91
C LEU A 124 -6.23 -7.83 13.13
N ILE A 125 -6.22 -8.05 11.81
CA ILE A 125 -5.09 -7.66 10.97
C ILE A 125 -4.97 -6.13 10.91
N GLY A 126 -6.12 -5.45 10.81
CA GLY A 126 -6.11 -4.00 10.92
C GLY A 126 -5.58 -3.52 12.26
N GLN A 127 -6.02 -4.18 13.35
CA GLN A 127 -5.55 -3.79 14.69
C GLN A 127 -4.04 -3.81 14.79
N PHE A 128 -3.38 -4.80 14.18
CA PHE A 128 -1.94 -4.93 14.31
C PHE A 128 -1.16 -4.31 13.15
N GLY A 129 -1.83 -3.64 12.20
CA GLY A 129 -1.12 -2.88 11.19
C GLY A 129 -0.41 -3.69 10.12
N VAL A 130 -0.64 -5.00 10.09
CA VAL A 130 0.02 -5.89 9.15
C VAL A 130 -0.84 -6.05 7.91
N GLY A 131 -1.75 -5.10 7.68
CA GLY A 131 -2.67 -5.18 6.57
C GLY A 131 -2.00 -5.20 5.21
N PHE A 132 -0.76 -4.69 5.12
CA PHE A 132 -0.06 -4.64 3.83
C PHE A 132 -0.06 -5.99 3.16
N TYR A 133 0.10 -7.05 3.95
CA TYR A 133 0.25 -8.37 3.36
C TYR A 133 -1.04 -8.95 2.82
N SER A 134 -2.20 -8.37 3.14
CA SER A 134 -3.41 -8.81 2.44
C SER A 134 -3.31 -8.53 0.94
N ALA A 135 -2.31 -7.76 0.51
CA ALA A 135 -2.16 -7.45 -0.90
C ALA A 135 -1.91 -8.71 -1.71
N PHE A 136 -1.20 -9.68 -1.13
CA PHE A 136 -0.96 -10.96 -1.78
C PHE A 136 -2.24 -11.77 -1.98
N LEU A 137 -3.38 -11.32 -1.43
CA LEU A 137 -4.65 -11.99 -1.69
C LEU A 137 -5.08 -11.82 -3.14
N VAL A 138 -4.66 -10.72 -3.77
CA VAL A 138 -5.12 -10.38 -5.12
C VAL A 138 -3.98 -10.14 -6.08
N ALA A 139 -2.75 -10.27 -5.63
CA ALA A 139 -1.60 -9.93 -6.45
C ALA A 139 -0.67 -11.12 -6.54
N ASP A 140 -0.16 -11.34 -7.76
CA ASP A 140 0.95 -12.26 -7.96
C ASP A 140 2.28 -11.61 -7.64
N LYS A 141 2.38 -10.29 -7.82
CA LYS A 141 3.57 -9.56 -7.39
C LYS A 141 3.15 -8.22 -6.78
N VAL A 142 3.91 -7.78 -5.77
CA VAL A 142 3.66 -6.51 -5.10
C VAL A 142 4.91 -5.66 -5.19
N ILE A 143 4.75 -4.41 -5.63
CA ILE A 143 5.87 -3.51 -5.85
C ILE A 143 5.66 -2.22 -5.07
N VAL A 144 6.61 -1.90 -4.19
CA VAL A 144 6.55 -0.71 -3.35
C VAL A 144 7.61 0.25 -3.87
N THR A 145 7.18 1.34 -4.48
CA THR A 145 8.06 2.44 -4.82
C THR A 145 7.86 3.56 -3.81
N SER A 146 8.94 4.02 -3.19
CA SER A 146 8.81 4.95 -2.07
C SER A 146 9.97 5.94 -2.09
N LYS A 147 9.68 7.18 -1.68
CA LYS A 147 10.66 8.26 -1.57
C LYS A 147 10.52 8.99 -0.22
N HIS A 148 11.55 8.87 0.62
CA HIS A 148 11.64 9.59 1.89
C HIS A 148 12.40 10.91 1.71
N ASN A 149 12.15 11.85 2.62
CA ASN A 149 12.81 13.15 2.48
C ASN A 149 14.30 13.07 2.72
N ASN A 150 14.81 11.98 3.32
CA ASN A 150 16.25 11.80 3.50
C ASN A 150 16.80 10.58 2.75
N ASP A 151 16.26 10.24 1.59
CA ASP A 151 16.86 9.17 0.81
C ASP A 151 16.43 9.30 -0.64
N THR A 152 17.13 8.56 -1.51
CA THR A 152 16.78 8.44 -2.91
C THR A 152 15.61 7.46 -3.08
N GLN A 153 14.91 7.58 -4.19
CA GLN A 153 13.78 6.68 -4.45
C GLN A 153 14.27 5.26 -4.61
N HIS A 154 13.59 4.30 -3.98
CA HIS A 154 13.89 2.89 -4.11
C HIS A 154 12.61 2.13 -4.44
N ILE A 155 12.80 0.89 -4.91
CA ILE A 155 11.71 -0.01 -5.25
C ILE A 155 11.90 -1.30 -4.47
N TRP A 156 10.84 -1.75 -3.82
CA TRP A 156 10.77 -3.04 -3.15
C TRP A 156 9.84 -3.93 -3.97
N GLU A 157 10.22 -5.18 -4.14
CA GLU A 157 9.54 -6.08 -5.07
C GLU A 157 9.46 -7.47 -4.46
N SER A 158 8.27 -8.07 -4.45
CA SER A 158 8.16 -9.44 -3.96
C SER A 158 6.95 -10.17 -4.53
N ASP A 159 7.12 -11.49 -4.65
CA ASP A 159 6.06 -12.43 -4.97
C ASP A 159 5.75 -13.37 -3.80
N SER A 160 6.18 -13.00 -2.59
CA SER A 160 6.04 -13.68 -1.31
C SER A 160 7.15 -14.71 -1.06
N ASN A 161 7.94 -15.09 -2.06
CA ASN A 161 8.95 -16.13 -1.88
C ASN A 161 10.34 -15.55 -1.65
N GLU A 162 10.48 -14.24 -1.80
CA GLU A 162 11.64 -13.44 -1.44
C GLU A 162 11.32 -12.03 -1.87
N PHE A 163 12.21 -11.09 -1.58
CA PHE A 163 12.02 -9.75 -2.12
C PHE A 163 13.38 -9.17 -2.45
N SER A 164 13.35 -8.10 -3.22
CA SER A 164 14.56 -7.33 -3.50
C SER A 164 14.24 -5.86 -3.37
N VAL A 165 15.23 -5.10 -2.94
CA VAL A 165 15.17 -3.65 -2.88
C VAL A 165 16.27 -3.12 -3.79
N ILE A 166 15.90 -2.30 -4.77
CA ILE A 166 16.86 -1.69 -5.68
C ILE A 166 16.63 -0.18 -5.70
N ALA A 167 17.70 0.55 -5.96
CA ALA A 167 17.55 1.97 -6.23
C ALA A 167 16.80 2.16 -7.54
N ASP A 168 15.99 3.19 -7.61
CA ASP A 168 15.09 3.40 -8.72
C ASP A 168 15.81 4.03 -9.91
N PRO A 169 15.96 3.30 -11.03
CA PRO A 169 16.64 3.87 -12.21
C PRO A 169 16.10 5.20 -12.67
N ARG A 170 14.84 5.48 -12.35
CA ARG A 170 14.11 6.64 -12.84
C ARG A 170 14.36 7.89 -12.03
N GLY A 171 15.24 7.85 -11.02
CA GLY A 171 15.40 8.96 -10.10
C GLY A 171 14.24 9.12 -9.13
N ASN A 172 14.00 10.36 -8.73
CA ASN A 172 12.91 10.69 -7.80
C ASN A 172 11.74 11.17 -8.63
N THR A 173 10.73 10.32 -8.80
CA THR A 173 9.51 10.72 -9.49
C THR A 173 8.35 10.91 -8.53
N LEU A 174 8.48 10.42 -7.30
CA LEU A 174 7.42 10.52 -6.33
C LEU A 174 7.34 11.89 -5.67
N GLY A 175 8.44 12.63 -5.62
CA GLY A 175 8.49 13.81 -4.79
C GLY A 175 8.69 13.41 -3.34
N ARG A 176 7.69 12.74 -2.81
CA ARG A 176 7.69 12.18 -1.46
C ARG A 176 6.51 11.24 -1.38
N GLY A 177 6.71 10.07 -0.79
CA GLY A 177 5.55 9.22 -0.62
C GLY A 177 5.80 7.81 -1.11
N THR A 178 4.70 7.08 -1.29
CA THR A 178 4.79 5.66 -1.61
C THR A 178 3.77 5.28 -2.67
N THR A 179 4.21 4.46 -3.61
CA THR A 179 3.29 3.75 -4.47
C THR A 179 3.32 2.29 -4.09
N ILE A 180 2.13 1.72 -3.96
CA ILE A 180 1.94 0.28 -3.93
C ILE A 180 1.44 -0.10 -5.31
N THR A 181 2.15 -0.99 -5.97
CA THR A 181 1.71 -1.49 -7.28
C THR A 181 1.43 -2.97 -7.14
N LEU A 182 0.22 -3.37 -7.52
CA LEU A 182 -0.17 -4.76 -7.50
C LEU A 182 -0.28 -5.31 -8.92
N VAL A 183 0.51 -6.32 -9.23
CA VAL A 183 0.34 -7.12 -10.45
C VAL A 183 -0.78 -8.11 -10.13
N LEU A 184 -2.01 -7.79 -10.54
CA LEU A 184 -3.16 -8.54 -10.04
C LEU A 184 -3.22 -9.95 -10.59
N LYS A 185 -3.63 -10.89 -9.72
CA LYS A 185 -3.98 -12.23 -10.14
C LYS A 185 -5.07 -12.17 -11.21
N GLU A 186 -5.29 -13.31 -11.86
CA GLU A 186 -6.28 -13.35 -12.94
C GLU A 186 -7.70 -13.31 -12.38
N GLU A 187 -7.95 -14.06 -11.31
CA GLU A 187 -9.28 -14.09 -10.70
C GLU A 187 -9.72 -12.70 -10.25
N ALA A 188 -8.77 -11.90 -9.75
CA ALA A 188 -8.99 -10.53 -9.31
C ALA A 188 -9.21 -9.55 -10.46
N SER A 189 -9.67 -10.03 -11.61
CA SER A 189 -9.73 -9.18 -12.80
C SER A 189 -10.69 -8.02 -12.63
N ASP A 190 -11.72 -8.17 -11.79
CA ASP A 190 -12.74 -7.13 -11.67
C ASP A 190 -12.21 -5.87 -10.97
N TYR A 191 -11.18 -5.99 -10.14
CA TYR A 191 -10.55 -4.78 -9.58
C TYR A 191 -9.76 -3.99 -10.61
N LEU A 192 -9.95 -4.22 -11.91
CA LEU A 192 -9.32 -3.41 -12.94
C LEU A 192 -10.31 -2.52 -13.67
N GLU A 193 -11.61 -2.67 -13.39
CA GLU A 193 -12.56 -1.77 -14.01
C GLU A 193 -13.00 -0.71 -13.01
N LEU A 194 -12.93 0.55 -13.46
CA LEU A 194 -13.64 1.66 -12.87
C LEU A 194 -15.06 1.23 -12.50
N ASP A 195 -15.71 1.98 -11.61
CA ASP A 195 -17.03 1.72 -11.05
C ASP A 195 -16.95 0.70 -9.90
N THR A 196 -16.20 -0.39 -10.05
CA THR A 196 -16.04 -1.31 -8.93
C THR A 196 -14.83 -0.99 -8.05
N ILE A 197 -13.81 -0.32 -8.58
CA ILE A 197 -12.78 0.22 -7.71
C ILE A 197 -13.30 1.45 -6.97
N LYS A 198 -13.88 2.40 -7.72
CA LYS A 198 -14.57 3.54 -7.13
C LYS A 198 -15.55 3.10 -6.04
N ASN A 199 -16.28 2.02 -6.32
CA ASN A 199 -17.21 1.44 -5.36
C ASN A 199 -16.51 1.18 -4.03
N LEU A 200 -15.49 0.33 -4.06
CA LEU A 200 -14.78 -0.05 -2.85
C LEU A 200 -14.04 1.13 -2.24
N VAL A 201 -13.55 2.06 -3.06
CA VAL A 201 -12.84 3.21 -2.53
C VAL A 201 -13.78 4.09 -1.71
N LYS A 202 -15.03 4.28 -2.16
CA LYS A 202 -16.00 5.03 -1.38
C LYS A 202 -16.29 4.34 -0.04
N LYS A 203 -16.50 3.02 -0.06
CA LYS A 203 -16.84 2.28 1.16
C LYS A 203 -15.76 2.39 2.23
N TYR A 204 -14.50 2.56 1.82
CA TYR A 204 -13.37 2.55 2.75
C TYR A 204 -12.69 3.90 2.91
N SER A 205 -13.15 4.96 2.24
CA SER A 205 -12.58 6.30 2.42
C SER A 205 -13.43 7.18 3.32
N GLN A 206 -14.59 6.69 3.79
CA GLN A 206 -15.56 7.55 4.43
C GLN A 206 -14.92 8.37 5.56
N PHE A 207 -13.97 7.78 6.29
CA PHE A 207 -13.43 8.39 7.49
C PHE A 207 -11.95 8.72 7.39
N ILE A 208 -11.38 8.63 6.19
CA ILE A 208 -10.02 9.07 5.96
C ILE A 208 -10.02 10.58 5.86
N ASN A 209 -8.98 11.23 6.41
CA ASN A 209 -8.96 12.68 6.55
C ASN A 209 -8.39 13.42 5.35
N PHE A 210 -7.71 12.73 4.47
CA PHE A 210 -7.12 13.34 3.30
C PHE A 210 -7.95 13.05 2.07
N PRO A 211 -7.82 13.84 1.01
CA PRO A 211 -8.59 13.56 -0.22
C PRO A 211 -8.06 12.32 -0.94
N ILE A 212 -8.99 11.49 -1.41
CA ILE A 212 -8.66 10.28 -2.15
C ILE A 212 -9.26 10.41 -3.54
N TYR A 213 -8.41 10.30 -4.57
CA TYR A 213 -8.84 10.41 -5.96
C TYR A 213 -8.69 9.09 -6.69
N VAL A 214 -9.43 8.99 -7.80
CA VAL A 214 -9.38 7.84 -8.71
C VAL A 214 -9.42 8.35 -10.14
N TRP A 215 -8.32 8.15 -10.86
CA TRP A 215 -8.23 8.41 -12.30
C TRP A 215 -9.42 7.76 -13.02
N SER A 216 -10.35 8.58 -13.55
CA SER A 216 -11.66 8.09 -13.97
C SER A 216 -12.13 8.76 -15.26
N SER A 217 -13.19 8.17 -15.86
CA SER A 217 -13.77 8.60 -17.14
C SER A 217 -15.04 9.38 -16.89
N LYS A 218 -15.04 10.67 -17.24
CA LYS A 218 -16.26 11.49 -17.26
C LYS A 218 -16.51 11.92 -18.70
N THR A 219 -17.01 10.99 -19.50
CA THR A 219 -17.23 11.18 -20.94
C THR A 219 -18.11 12.39 -21.27
N LYS A 224 -16.80 12.66 -26.37
CA LYS A 224 -15.41 12.89 -26.00
C LYS A 224 -15.11 12.40 -24.57
N THR A 225 -14.58 11.18 -24.46
CA THR A 225 -14.20 10.64 -23.16
C THR A 225 -12.93 11.31 -22.65
N VAL A 226 -12.95 11.78 -21.40
CA VAL A 226 -11.83 12.50 -20.78
C VAL A 226 -11.55 11.91 -19.40
N TRP A 227 -10.26 11.86 -19.03
CA TRP A 227 -9.82 11.34 -17.73
C TRP A 227 -9.19 12.45 -16.91
N ASP A 228 -9.77 12.73 -15.74
CA ASP A 228 -9.12 13.53 -14.70
C ASP A 228 -9.21 12.75 -13.39
N TRP A 229 -8.61 13.31 -12.34
CA TRP A 229 -8.75 12.75 -11.00
C TRP A 229 -10.15 13.03 -10.47
N GLU A 230 -10.79 12.01 -9.93
CA GLU A 230 -12.12 12.13 -9.34
C GLU A 230 -12.05 11.88 -7.84
N LEU A 231 -12.50 12.85 -7.05
CA LEU A 231 -12.45 12.74 -5.61
C LEU A 231 -13.59 11.84 -5.11
N MET A 232 -13.29 11.06 -4.07
CA MET A 232 -14.20 10.03 -3.59
C MET A 232 -14.73 10.26 -2.19
N ASN A 233 -14.22 11.25 -1.45
CA ASN A 233 -14.68 11.50 -0.09
C ASN A 233 -14.66 12.99 0.32
#